data_7KHK
#
_entry.id   7KHK
#
_cell.length_a   57.984
_cell.length_b   61.906
_cell.length_c   206.769
_cell.angle_alpha   90.000
_cell.angle_beta   90.000
_cell.angle_gamma   90.000
#
_symmetry.space_group_name_H-M   'P 21 21 21'
#
loop_
_entity.id
_entity.type
_entity.pdbx_description
1 polymer 'Mast/stem cell growth factor receptor Kit'
2 non-polymer 4,5-dimethyl-N-(2-phenyl-1H-pyrrolo[2,3-b]pyridin-5-yl)-1H-pyrazole-3-carboxamide
3 water water
#
_entity_poly.entity_id   1
_entity_poly.type   'polypeptide(L)'
_entity_poly.pdbx_seq_one_letter_code
;MGHHHHHHMPMYEVQWKVGEESNGNNYSYIDPTQLPYDHKWEFPRNRLSFGKTLGAGAFGKVVEATAQGLIKSDAAMTVA
VKMLKPSAHSTEREALMSELKVLSYLGNHENIVNLLGACTHGGPTLVITEYCCYGDLLNFLRRKRDSFHSSDTSPASMED
DENALDLEDLLSFSYQVAKGMAFLASKNCIHRDLAARNILLTHGRITKICDFGLARVIKNDSNYVDKGNARLPVKWMAPE
SIFNSVYTFESDVWSYGIFLWELFSLGSSPYPGMPVDSKFYKMIKEGFRMSSPEHAPAEMYDIMKTCWDADPDKRPTFKQ
IVQDIEKQISESTNH
;
_entity_poly.pdbx_strand_id   A,B
#
# COMPACT_ATOMS: atom_id res chain seq x y z
N ASN A 25 -5.42 -3.41 48.29
CA ASN A 25 -4.52 -2.29 48.47
C ASN A 25 -5.06 -1.05 47.76
N ASN A 26 -4.79 0.13 48.34
CA ASN A 26 -5.33 1.38 47.85
C ASN A 26 -4.45 2.05 46.82
N TYR A 27 -3.22 1.58 46.66
CA TYR A 27 -2.30 2.05 45.64
C TYR A 27 -2.30 1.02 44.51
N SER A 28 -2.24 1.51 43.27
CA SER A 28 -2.18 0.63 42.10
C SER A 28 -1.34 1.30 41.02
N TYR A 29 -0.72 0.48 40.20
CA TYR A 29 -0.18 0.97 38.93
C TYR A 29 -1.35 1.32 38.03
N ILE A 30 -1.28 2.47 37.37
CA ILE A 30 -2.37 2.92 36.52
C ILE A 30 -2.21 2.32 35.12
N ASP A 31 -3.27 1.66 34.63
CA ASP A 31 -3.28 1.04 33.31
C ASP A 31 -3.76 2.03 32.26
N PRO A 32 -2.90 2.47 31.33
CA PRO A 32 -3.34 3.47 30.34
C PRO A 32 -4.44 2.97 29.43
N THR A 33 -4.48 1.66 29.16
CA THR A 33 -5.55 1.09 28.32
C THR A 33 -6.91 1.24 28.96
N GLN A 34 -6.96 1.31 30.30
CA GLN A 34 -8.23 1.50 30.98
C GLN A 34 -8.69 2.95 30.98
N LEU A 35 -7.80 3.90 30.68
CA LEU A 35 -8.13 5.32 30.69
C LEU A 35 -9.10 5.62 29.56
N PRO A 36 -9.87 6.72 29.64
CA PRO A 36 -10.81 7.04 28.55
C PRO A 36 -10.08 7.34 27.25
N TYR A 37 -10.76 7.06 26.14
CA TYR A 37 -10.21 7.29 24.82
C TYR A 37 -9.75 8.73 24.63
N ASP A 38 -8.52 8.91 24.18
CA ASP A 38 -7.99 10.23 23.87
C ASP A 38 -8.55 10.71 22.54
N HIS A 39 -9.08 11.92 22.52
CA HIS A 39 -9.76 12.41 21.32
C HIS A 39 -8.79 13.01 20.32
N LYS A 40 -7.50 12.96 20.61
CA LYS A 40 -6.52 13.40 19.63
C LYS A 40 -6.55 12.52 18.38
N TRP A 41 -6.98 11.27 18.52
CA TRP A 41 -7.09 10.34 17.41
C TRP A 41 -8.34 10.57 16.58
N GLU A 42 -9.30 11.35 17.07
CA GLU A 42 -10.60 11.46 16.42
C GLU A 42 -10.45 12.02 15.01
N PHE A 43 -11.10 11.35 14.06
CA PHE A 43 -11.04 11.71 12.66
C PHE A 43 -12.45 11.82 12.09
N PRO A 44 -12.73 12.86 11.31
CA PRO A 44 -14.07 13.02 10.74
C PRO A 44 -14.42 11.86 9.80
N ARG A 45 -15.64 11.34 9.95
CA ARG A 45 -16.06 10.24 9.09
C ARG A 45 -16.22 10.69 7.64
N ASN A 46 -16.56 11.96 7.43
CA ASN A 46 -16.83 12.47 6.08
C ASN A 46 -15.57 12.50 5.22
N ARG A 47 -14.40 12.63 5.84
CA ARG A 47 -13.12 12.68 5.13
C ARG A 47 -12.59 11.31 4.72
N LEU A 48 -13.36 10.23 4.91
CA LEU A 48 -12.97 8.88 4.55
C LEU A 48 -13.75 8.44 3.32
N SER A 49 -13.06 7.80 2.37
CA SER A 49 -13.70 7.19 1.21
C SER A 49 -13.36 5.72 1.20
N PHE A 50 -14.38 4.87 1.34
CA PHE A 50 -14.16 3.44 1.44
C PHE A 50 -14.00 2.80 0.07
N GLY A 51 -13.00 1.93 -0.06
CA GLY A 51 -12.79 1.21 -1.29
C GLY A 51 -13.23 -0.22 -1.13
N LYS A 52 -12.35 -1.16 -1.42
CA LYS A 52 -12.68 -2.57 -1.38
C LYS A 52 -12.34 -3.16 -0.01
N THR A 53 -12.96 -4.31 0.27
CA THR A 53 -12.76 -5.01 1.52
C THR A 53 -11.44 -5.77 1.51
N LEU A 54 -10.53 -5.38 2.41
CA LEU A 54 -9.24 -6.07 2.48
C LEU A 54 -9.31 -7.42 3.20
N GLY A 55 -10.23 -7.61 4.14
CA GLY A 55 -10.27 -8.86 4.87
C GLY A 55 -11.48 -9.01 5.76
N ALA A 56 -11.78 -10.26 6.09
CA ALA A 56 -12.84 -10.61 7.04
C ALA A 56 -12.27 -11.64 8.02
N GLY A 57 -13.15 -12.26 8.81
CA GLY A 57 -12.77 -13.38 9.65
C GLY A 57 -12.89 -12.71 11.01
N ALA A 58 -11.90 -12.91 11.87
CA ALA A 58 -11.93 -12.84 13.32
C ALA A 58 -12.71 -11.63 13.81
N PHE A 59 -12.08 -10.45 13.76
CA PHE A 59 -12.68 -9.21 14.26
C PHE A 59 -13.16 -8.38 13.07
N GLY A 60 -14.45 -8.46 12.79
CA GLY A 60 -15.05 -7.61 11.78
C GLY A 60 -14.37 -7.73 10.43
N LYS A 61 -14.29 -6.60 9.74
CA LYS A 61 -13.66 -6.53 8.43
C LYS A 61 -12.81 -5.28 8.33
N VAL A 62 -11.79 -5.33 7.47
CA VAL A 62 -10.89 -4.21 7.21
C VAL A 62 -11.12 -3.77 5.77
N VAL A 63 -11.28 -2.46 5.57
CA VAL A 63 -11.57 -1.90 4.26
C VAL A 63 -10.51 -0.87 3.91
N GLU A 64 -9.97 -0.95 2.70
CA GLU A 64 -9.05 0.09 2.24
C GLU A 64 -9.82 1.38 2.04
N ALA A 65 -9.17 2.51 2.30
CA ALA A 65 -9.86 3.79 2.28
C ALA A 65 -8.89 4.89 1.89
N THR A 66 -9.45 6.06 1.56
CA THR A 66 -8.69 7.27 1.32
C THR A 66 -9.03 8.28 2.40
N ALA A 67 -8.02 8.80 3.09
CA ALA A 67 -8.21 9.75 4.17
C ALA A 67 -7.56 11.07 3.82
N GLN A 68 -8.27 12.17 4.10
CA GLN A 68 -7.78 13.51 3.84
C GLN A 68 -7.51 14.27 5.13
N GLY A 69 -6.48 15.10 5.11
CA GLY A 69 -6.10 15.90 6.25
C GLY A 69 -5.11 15.26 7.20
N LEU A 70 -4.73 14.00 6.95
CA LEU A 70 -3.69 13.37 7.77
C LEU A 70 -2.32 14.01 7.54
N ILE A 71 -2.04 14.41 6.31
CA ILE A 71 -0.76 15.03 5.99
C ILE A 71 -0.78 16.51 6.37
N LYS A 72 0.40 17.03 6.71
CA LYS A 72 0.55 18.46 6.97
C LYS A 72 0.26 19.28 5.71
N SER A 73 0.44 18.69 4.54
CA SER A 73 0.18 19.35 3.27
C SER A 73 -1.26 19.20 2.81
N ASP A 74 -2.11 18.56 3.61
CA ASP A 74 -3.52 18.35 3.33
C ASP A 74 -3.76 17.40 2.17
N ALA A 75 -2.80 16.56 1.82
CA ALA A 75 -2.96 15.56 0.77
C ALA A 75 -3.75 14.35 1.27
N ALA A 76 -4.32 13.62 0.30
CA ALA A 76 -5.04 12.38 0.58
C ALA A 76 -4.10 11.18 0.50
N MET A 77 -4.30 10.21 1.39
CA MET A 77 -3.48 9.01 1.45
C MET A 77 -4.37 7.79 1.65
N THR A 78 -3.82 6.63 1.30
CA THR A 78 -4.52 5.35 1.44
C THR A 78 -4.32 4.80 2.85
N VAL A 79 -5.40 4.33 3.47
CA VAL A 79 -5.40 3.82 4.83
C VAL A 79 -6.26 2.57 4.87
N ALA A 80 -6.12 1.80 5.95
CA ALA A 80 -6.96 0.64 6.23
C ALA A 80 -7.85 0.95 7.43
N VAL A 81 -9.14 0.61 7.31
CA VAL A 81 -10.13 0.90 8.34
C VAL A 81 -10.71 -0.42 8.83
N LYS A 82 -10.70 -0.61 10.14
CA LYS A 82 -11.28 -1.79 10.75
C LYS A 82 -12.63 -1.43 11.35
N MET A 83 -13.64 -2.26 11.08
CA MET A 83 -14.99 -2.03 11.57
C MET A 83 -15.65 -3.37 11.87
N LEU A 84 -16.73 -3.32 12.63
CA LEU A 84 -17.50 -4.52 12.93
C LEU A 84 -18.88 -4.42 12.28
N LYS A 85 -19.58 -5.56 12.24
CA LYS A 85 -20.93 -5.62 11.68
C LYS A 85 -21.96 -5.22 12.72
N PRO A 86 -23.17 -4.79 12.29
CA PRO A 86 -24.18 -4.41 13.28
C PRO A 86 -25.09 -5.57 13.68
N SER A 90 -21.86 -8.50 23.10
CA SER A 90 -21.25 -7.31 22.48
C SER A 90 -19.76 -7.25 22.78
N THR A 91 -19.12 -8.41 22.89
CA THR A 91 -17.69 -8.46 23.17
C THR A 91 -16.86 -7.87 22.04
N GLU A 92 -17.32 -8.02 20.79
CA GLU A 92 -16.58 -7.45 19.68
C GLU A 92 -16.53 -5.94 19.73
N ARG A 93 -17.60 -5.31 20.25
CA ARG A 93 -17.61 -3.85 20.31
C ARG A 93 -16.51 -3.33 21.21
N GLU A 94 -16.32 -3.96 22.37
CA GLU A 94 -15.27 -3.54 23.30
C GLU A 94 -13.88 -3.93 22.82
N ALA A 95 -13.76 -5.05 22.10
CA ALA A 95 -12.44 -5.50 21.66
C ALA A 95 -11.82 -4.50 20.67
N LEU A 96 -12.64 -3.91 19.81
CA LEU A 96 -12.14 -2.88 18.92
C LEU A 96 -11.67 -1.66 19.70
N MET A 97 -12.44 -1.24 20.70
CA MET A 97 -12.03 -0.12 21.54
C MET A 97 -10.78 -0.47 22.31
N SER A 98 -10.69 -1.71 22.81
CA SER A 98 -9.49 -2.13 23.50
C SER A 98 -8.27 -2.07 22.57
N GLU A 99 -8.42 -2.56 21.34
CA GLU A 99 -7.29 -2.56 20.41
C GLU A 99 -6.82 -1.13 20.17
N LEU A 100 -7.77 -0.22 19.93
CA LEU A 100 -7.42 1.17 19.69
C LEU A 100 -6.66 1.78 20.85
N LYS A 101 -7.08 1.52 22.09
CA LYS A 101 -6.38 2.07 23.25
C LYS A 101 -5.01 1.44 23.42
N VAL A 102 -4.89 0.13 23.21
CA VAL A 102 -3.58 -0.49 23.32
C VAL A 102 -2.63 0.15 22.31
N LEU A 103 -3.10 0.32 21.07
CA LEU A 103 -2.25 0.96 20.07
C LEU A 103 -1.91 2.38 20.48
N SER A 104 -2.90 3.12 20.99
CA SER A 104 -2.62 4.49 21.42
C SER A 104 -1.58 4.50 22.53
N TYR A 105 -1.66 3.57 23.47
CA TYR A 105 -0.64 3.50 24.52
C TYR A 105 0.72 3.07 23.97
N LEU A 106 0.74 2.06 23.09
CA LEU A 106 2.03 1.52 22.63
C LEU A 106 2.87 2.58 21.94
N GLY A 107 2.26 3.42 21.16
CA GLY A 107 3.01 4.39 20.40
C GLY A 107 3.45 3.81 19.06
N ASN A 108 4.25 4.60 18.35
CA ASN A 108 4.70 4.22 17.02
C ASN A 108 5.86 3.27 17.14
N HIS A 109 5.84 2.21 16.35
CA HIS A 109 6.97 1.30 16.24
C HIS A 109 7.03 0.76 14.83
N GLU A 110 8.25 0.45 14.41
CA GLU A 110 8.47 -0.03 13.06
C GLU A 110 7.79 -1.39 12.82
N ASN A 111 7.79 -2.25 13.84
CA ASN A 111 7.28 -3.62 13.75
C ASN A 111 5.85 -3.78 14.28
N ILE A 112 5.11 -2.70 14.46
CA ILE A 112 3.71 -2.77 14.82
C ILE A 112 2.92 -2.00 13.78
N VAL A 113 1.74 -2.49 13.43
CA VAL A 113 0.84 -1.72 12.58
C VAL A 113 0.57 -0.42 13.31
N ASN A 114 0.66 0.70 12.60
CA ASN A 114 0.61 1.99 13.29
C ASN A 114 -0.78 2.58 13.21
N LEU A 115 -1.20 3.17 14.33
CA LEU A 115 -2.52 3.77 14.47
C LEU A 115 -2.48 5.19 13.93
N LEU A 116 -3.37 5.48 12.98
CA LEU A 116 -3.45 6.82 12.40
C LEU A 116 -4.57 7.65 12.99
N GLY A 117 -5.75 7.07 13.17
CA GLY A 117 -6.88 7.80 13.69
C GLY A 117 -8.01 6.87 14.05
N ALA A 118 -9.08 7.45 14.56
CA ALA A 118 -10.28 6.69 14.89
C ALA A 118 -11.51 7.56 14.72
N CYS A 119 -12.63 6.92 14.40
CA CYS A 119 -13.93 7.59 14.31
C CYS A 119 -14.83 6.94 15.33
N THR A 120 -15.13 7.64 16.42
CA THR A 120 -15.97 7.10 17.49
C THR A 120 -17.26 7.88 17.69
N HIS A 121 -17.49 8.95 16.93
CA HIS A 121 -18.62 9.83 17.11
C HIS A 121 -19.54 9.71 15.90
N GLY A 122 -20.86 9.74 16.16
CA GLY A 122 -21.84 9.82 15.10
C GLY A 122 -21.94 8.64 14.16
N GLY A 123 -21.61 7.43 14.61
CA GLY A 123 -21.70 6.28 13.75
C GLY A 123 -21.00 5.07 14.31
N PRO A 124 -20.82 4.03 13.48
CA PRO A 124 -20.08 2.84 13.94
C PRO A 124 -18.61 3.16 14.17
N THR A 125 -18.02 2.52 15.18
CA THR A 125 -16.63 2.81 15.53
C THR A 125 -15.68 2.35 14.44
N LEU A 126 -14.75 3.22 14.06
CA LEU A 126 -13.78 2.93 13.00
C LEU A 126 -12.37 3.16 13.52
N VAL A 127 -11.49 2.19 13.29
CA VAL A 127 -10.09 2.33 13.65
C VAL A 127 -9.29 2.41 12.36
N ILE A 128 -8.54 3.49 12.20
CA ILE A 128 -7.76 3.74 10.99
C ILE A 128 -6.30 3.46 11.27
N THR A 129 -5.68 2.65 10.42
CA THR A 129 -4.29 2.28 10.57
C THR A 129 -3.61 2.40 9.21
N GLU A 130 -2.28 2.30 9.23
CA GLU A 130 -1.51 2.37 8.00
C GLU A 130 -1.84 1.16 7.14
N TYR A 131 -1.79 1.37 5.82
CA TYR A 131 -2.07 0.32 4.87
C TYR A 131 -0.79 -0.46 4.58
N CYS A 132 -0.87 -1.78 4.67
CA CYS A 132 0.22 -2.67 4.32
C CYS A 132 -0.15 -3.38 3.03
N CYS A 133 0.71 -3.24 2.02
CA CYS A 133 0.37 -3.70 0.67
C CYS A 133 0.31 -5.22 0.56
N TYR A 134 1.33 -5.91 1.06
CA TYR A 134 1.46 -7.35 0.86
C TYR A 134 0.37 -8.15 1.59
N GLY A 135 -0.27 -7.58 2.59
CA GLY A 135 -1.26 -8.35 3.33
C GLY A 135 -0.59 -9.24 4.38
N ASP A 136 -1.37 -10.18 4.89
CA ASP A 136 -0.89 -11.02 6.00
C ASP A 136 0.22 -11.96 5.55
N LEU A 137 1.16 -12.18 6.48
CA LEU A 137 2.34 -13.00 6.21
C LEU A 137 1.98 -14.45 5.89
N LEU A 138 0.91 -14.98 6.49
CA LEU A 138 0.59 -16.38 6.26
C LEU A 138 0.22 -16.63 4.80
N ASN A 139 -0.60 -15.76 4.23
CA ASN A 139 -1.00 -15.92 2.83
C ASN A 139 0.15 -15.60 1.89
N PHE A 140 1.00 -14.65 2.27
CA PHE A 140 2.19 -14.34 1.49
C PHE A 140 3.14 -15.54 1.40
N LEU A 141 3.33 -16.27 2.49
CA LEU A 141 4.27 -17.39 2.43
C LEU A 141 3.69 -18.56 1.64
N ARG A 142 2.37 -18.71 1.65
CA ARG A 142 1.73 -19.73 0.84
C ARG A 142 1.83 -19.37 -0.65
N ARG A 143 1.58 -18.10 -1.00
CA ARG A 143 1.73 -17.66 -2.38
C ARG A 143 3.16 -17.83 -2.88
N LYS A 144 4.14 -17.73 -2.00
CA LYS A 144 5.54 -17.73 -2.40
C LYS A 144 6.23 -19.05 -2.12
N ARG A 145 5.47 -20.07 -1.76
CA ARG A 145 6.03 -21.35 -1.37
C ARG A 145 6.68 -22.06 -2.55
N ASP A 146 5.96 -22.13 -3.69
CA ASP A 146 6.52 -22.75 -4.88
C ASP A 146 7.80 -22.04 -5.32
N SER A 147 7.79 -20.71 -5.29
CA SER A 147 8.94 -19.93 -5.71
C SER A 147 10.12 -20.05 -4.76
N PHE A 148 10.01 -20.79 -3.67
CA PHE A 148 11.01 -20.68 -2.61
C PHE A 148 12.38 -21.12 -3.13
N HIS A 149 13.42 -20.47 -2.59
CA HIS A 149 14.79 -20.62 -3.05
C HIS A 149 14.98 -20.17 -4.50
N GLU A 162 14.26 -12.52 -8.11
CA GLU A 162 14.39 -11.25 -7.40
C GLU A 162 13.19 -10.98 -6.49
N ASN A 163 11.99 -11.33 -6.96
CA ASN A 163 10.79 -11.31 -6.15
C ASN A 163 10.54 -12.63 -5.44
N ALA A 164 11.52 -13.53 -5.44
CA ALA A 164 11.37 -14.84 -4.81
C ALA A 164 11.60 -14.74 -3.31
N LEU A 165 11.42 -15.87 -2.63
CA LEU A 165 11.67 -16.01 -1.21
C LEU A 165 12.86 -16.95 -1.00
N ASP A 166 13.69 -16.64 0.00
CA ASP A 166 14.75 -17.57 0.36
C ASP A 166 14.90 -17.60 1.88
N LEU A 167 15.94 -18.32 2.31
CA LEU A 167 16.15 -18.50 3.74
C LEU A 167 16.48 -17.19 4.46
N GLU A 168 17.12 -16.21 3.79
CA GLU A 168 17.46 -14.94 4.45
C GLU A 168 16.20 -14.14 4.77
N ASP A 169 15.17 -14.21 3.91
CA ASP A 169 13.89 -13.58 4.22
C ASP A 169 13.27 -14.20 5.47
N LEU A 170 13.34 -15.53 5.59
CA LEU A 170 12.73 -16.19 6.74
C LEU A 170 13.42 -15.76 8.03
N LEU A 171 14.76 -15.68 8.02
CA LEU A 171 15.48 -15.21 9.21
C LEU A 171 15.10 -13.76 9.53
N SER A 172 14.95 -12.92 8.52
CA SER A 172 14.57 -11.53 8.73
C SER A 172 13.20 -11.44 9.39
N PHE A 173 12.23 -12.21 8.86
CA PHE A 173 10.89 -12.24 9.44
C PHE A 173 10.95 -12.68 10.90
N SER A 174 11.73 -13.72 11.19
CA SER A 174 11.87 -14.15 12.57
C SER A 174 12.33 -13.01 13.45
N TYR A 175 13.37 -12.32 13.00
CA TYR A 175 14.03 -11.27 13.75
C TYR A 175 13.13 -10.05 13.94
N GLN A 176 12.47 -9.62 12.88
CA GLN A 176 11.60 -8.45 12.98
C GLN A 176 10.46 -8.69 13.97
N VAL A 177 9.78 -9.84 13.84
CA VAL A 177 8.67 -10.15 14.74
C VAL A 177 9.16 -10.25 16.18
N ALA A 178 10.33 -10.84 16.38
CA ALA A 178 10.91 -10.89 17.72
C ALA A 178 11.14 -9.48 18.25
N LYS A 179 11.60 -8.57 17.39
CA LYS A 179 11.83 -7.19 17.80
C LYS A 179 10.52 -6.53 18.19
N GLY A 180 9.50 -6.69 17.34
CA GLY A 180 8.19 -6.16 17.68
C GLY A 180 7.64 -6.73 18.98
N MET A 181 7.82 -8.04 19.18
CA MET A 181 7.38 -8.65 20.43
C MET A 181 8.17 -8.12 21.62
N ALA A 182 9.50 -8.01 21.47
CA ALA A 182 10.35 -7.53 22.56
C ALA A 182 9.97 -6.12 22.96
N PHE A 183 9.54 -5.32 21.99
CA PHE A 183 9.00 -4.00 22.27
C PHE A 183 7.70 -4.08 23.06
N LEU A 184 6.79 -4.97 22.69
CA LEU A 184 5.54 -5.10 23.45
C LEU A 184 5.83 -5.48 24.89
N ALA A 185 6.74 -6.43 25.09
CA ALA A 185 7.08 -6.82 26.44
C ALA A 185 7.66 -5.65 27.24
N SER A 186 8.48 -4.80 26.60
CA SER A 186 9.06 -3.68 27.34
C SER A 186 7.98 -2.74 27.86
N LYS A 187 6.81 -2.72 27.22
CA LYS A 187 5.68 -1.90 27.68
C LYS A 187 4.69 -2.71 28.51
N ASN A 188 5.11 -3.86 29.05
CA ASN A 188 4.26 -4.72 29.87
C ASN A 188 2.99 -5.14 29.14
N CYS A 189 3.11 -5.36 27.84
CA CYS A 189 1.96 -5.71 27.01
C CYS A 189 2.13 -7.13 26.51
N ILE A 190 1.02 -7.88 26.49
CA ILE A 190 0.96 -9.23 25.94
C ILE A 190 -0.06 -9.26 24.81
N HIS A 191 0.36 -9.78 23.65
CA HIS A 191 -0.51 -9.79 22.47
C HIS A 191 -1.63 -10.82 22.65
N ARG A 192 -1.27 -12.05 23.02
CA ARG A 192 -2.17 -13.17 23.30
C ARG A 192 -2.68 -13.82 22.00
N ASP A 193 -2.39 -13.25 20.83
CA ASP A 193 -2.85 -13.83 19.57
C ASP A 193 -1.74 -13.77 18.51
N LEU A 194 -0.49 -13.99 18.92
CA LEU A 194 0.60 -13.96 17.95
C LEU A 194 0.49 -15.16 17.03
N ALA A 195 0.50 -14.91 15.72
CA ALA A 195 0.40 -15.94 14.70
C ALA A 195 0.72 -15.32 13.36
N ALA A 196 1.02 -16.17 12.36
CA ALA A 196 1.41 -15.64 11.05
C ALA A 196 0.26 -14.88 10.40
N ARG A 197 -0.98 -15.27 10.67
CA ARG A 197 -2.13 -14.56 10.13
C ARG A 197 -2.20 -13.13 10.65
N ASN A 198 -1.60 -12.87 11.83
CA ASN A 198 -1.64 -11.54 12.44
C ASN A 198 -0.39 -10.73 12.20
N ILE A 199 0.39 -11.09 11.20
CA ILE A 199 1.56 -10.32 10.83
C ILE A 199 1.38 -9.90 9.39
N LEU A 200 1.44 -8.59 9.17
CA LEU A 200 1.27 -8.02 7.85
C LEU A 200 2.63 -7.65 7.27
N LEU A 201 2.75 -7.73 5.97
CA LEU A 201 4.03 -7.47 5.30
C LEU A 201 3.85 -6.19 4.49
N THR A 202 4.69 -5.21 4.75
CA THR A 202 4.61 -3.94 4.04
C THR A 202 5.82 -3.76 3.13
N HIS A 203 5.82 -2.67 2.37
CA HIS A 203 6.90 -2.40 1.44
C HIS A 203 8.25 -2.34 2.16
N GLY A 204 9.24 -2.99 1.57
CA GLY A 204 10.55 -3.06 2.16
C GLY A 204 10.79 -4.37 2.82
N ARG A 205 9.84 -5.31 2.68
CA ARG A 205 9.89 -6.60 3.33
C ARG A 205 9.90 -6.43 4.84
N ILE A 206 9.10 -5.48 5.31
CA ILE A 206 8.99 -5.16 6.72
C ILE A 206 7.71 -5.79 7.24
N THR A 207 7.80 -6.48 8.37
CA THR A 207 6.67 -7.14 9.00
C THR A 207 6.16 -6.28 10.15
N LYS A 208 4.84 -6.15 10.23
CA LYS A 208 4.17 -5.40 11.30
C LYS A 208 3.14 -6.31 11.97
N ILE A 209 3.15 -6.34 13.31
CA ILE A 209 2.12 -7.06 14.04
C ILE A 209 0.83 -6.24 14.03
N CYS A 210 -0.32 -6.92 13.96
CA CYS A 210 -1.63 -6.28 14.01
C CYS A 210 -2.56 -7.14 14.84
N ASP A 211 -3.85 -6.81 14.82
CA ASP A 211 -4.90 -7.53 15.56
C ASP A 211 -4.56 -7.62 17.06
N PHE A 212 -4.72 -6.48 17.73
CA PHE A 212 -4.46 -6.36 19.16
C PHE A 212 -5.74 -6.51 20.00
N GLY A 213 -6.78 -7.12 19.44
CA GLY A 213 -8.05 -7.23 20.15
C GLY A 213 -7.98 -8.00 21.45
N LEU A 214 -7.13 -9.02 21.51
CA LEU A 214 -6.94 -9.78 22.73
C LEU A 214 -5.82 -9.29 23.61
N ALA A 215 -5.10 -8.24 23.21
CA ALA A 215 -3.91 -7.77 23.91
C ALA A 215 -4.24 -7.12 25.26
N ARG A 216 -3.36 -7.32 26.24
CA ARG A 216 -3.54 -6.77 27.58
C ARG A 216 -2.23 -6.23 28.12
N VAL A 217 -2.35 -5.33 29.09
CA VAL A 217 -1.24 -4.76 29.83
C VAL A 217 -1.27 -5.33 31.24
N ILE A 218 -0.23 -6.06 31.61
CA ILE A 218 -0.18 -6.75 32.90
C ILE A 218 0.79 -6.12 33.90
N LYS A 219 0.75 -4.81 34.07
CA LYS A 219 1.70 -4.20 35.02
C LYS A 219 1.36 -4.53 36.47
N ASN A 220 0.10 -4.35 36.85
CA ASN A 220 -0.28 -4.53 38.26
C ASN A 220 -0.12 -5.98 38.71
N ASP A 221 -0.59 -6.93 37.89
CA ASP A 221 -0.53 -8.33 38.23
C ASP A 221 0.45 -9.04 37.32
N SER A 222 1.15 -10.04 37.84
CA SER A 222 2.12 -10.75 37.03
C SER A 222 1.45 -11.73 36.06
N ASN A 223 0.23 -12.15 36.35
CA ASN A 223 -0.46 -13.13 35.54
C ASN A 223 -1.78 -12.50 35.11
N TYR A 224 -2.20 -12.73 33.88
CA TYR A 224 -3.52 -12.30 33.44
C TYR A 224 -4.42 -13.52 33.30
N VAL A 225 -5.64 -13.44 33.82
CA VAL A 225 -6.62 -14.53 33.77
C VAL A 225 -7.83 -14.06 32.96
N ASP A 226 -8.16 -14.81 31.91
CA ASP A 226 -9.32 -14.52 31.06
C ASP A 226 -10.51 -15.36 31.50
N LYS A 227 -11.70 -14.83 31.27
CA LYS A 227 -12.94 -15.60 31.47
C LYS A 227 -13.83 -15.55 30.22
N ALA A 230 -13.84 -15.18 24.83
CA ALA A 230 -14.47 -15.71 23.63
C ALA A 230 -13.68 -16.86 23.05
N ARG A 231 -13.76 -17.01 21.73
CA ARG A 231 -13.07 -18.08 21.03
C ARG A 231 -11.57 -17.84 21.04
N LEU A 232 -10.80 -18.92 21.10
CA LEU A 232 -9.38 -18.69 21.32
C LEU A 232 -8.55 -19.54 20.38
N PRO A 233 -7.32 -19.10 20.07
CA PRO A 233 -6.44 -19.84 19.13
C PRO A 233 -5.64 -20.96 19.78
N VAL A 234 -6.34 -22.10 19.94
CA VAL A 234 -5.84 -23.20 20.76
C VAL A 234 -4.50 -23.72 20.25
N LYS A 235 -4.33 -23.84 18.92
CA LYS A 235 -3.07 -24.35 18.38
C LYS A 235 -1.89 -23.45 18.71
N TRP A 236 -2.14 -22.15 18.92
CA TRP A 236 -1.09 -21.21 19.29
C TRP A 236 -0.92 -20.99 20.80
N MET A 237 -1.77 -21.57 21.65
CA MET A 237 -1.74 -21.26 23.09
C MET A 237 -0.78 -22.11 23.91
N ALA A 238 -0.15 -21.48 24.89
CA ALA A 238 0.65 -22.20 25.86
C ALA A 238 -0.24 -23.13 26.69
N PRO A 239 0.34 -24.17 27.29
CA PRO A 239 -0.49 -25.10 28.09
C PRO A 239 -1.15 -24.43 29.28
N GLU A 240 -0.39 -23.63 30.04
CA GLU A 240 -0.98 -22.97 31.18
C GLU A 240 -2.14 -22.10 30.75
N SER A 241 -2.10 -21.56 29.52
CA SER A 241 -3.21 -20.76 29.03
C SER A 241 -4.45 -21.60 28.75
N ILE A 242 -4.27 -22.81 28.21
CA ILE A 242 -5.43 -23.67 27.96
C ILE A 242 -5.98 -24.21 29.27
N PHE A 243 -5.11 -24.82 30.08
CA PHE A 243 -5.55 -25.56 31.26
C PHE A 243 -5.96 -24.62 32.40
N ASN A 244 -5.18 -23.58 32.67
CA ASN A 244 -5.42 -22.69 33.80
C ASN A 244 -5.86 -21.29 33.41
N SER A 245 -6.03 -21.01 32.12
CA SER A 245 -6.42 -19.69 31.62
C SER A 245 -5.47 -18.56 32.02
N VAL A 246 -4.17 -18.81 32.22
CA VAL A 246 -3.25 -17.74 32.59
C VAL A 246 -2.39 -17.36 31.38
N TYR A 247 -2.20 -16.05 31.21
CA TYR A 247 -1.43 -15.47 30.11
C TYR A 247 -0.33 -14.58 30.68
N THR A 248 0.87 -14.72 30.13
CA THR A 248 2.02 -14.01 30.65
C THR A 248 2.92 -13.65 29.47
N PHE A 249 4.04 -13.01 29.77
CA PHE A 249 5.06 -12.82 28.75
C PHE A 249 5.52 -14.15 28.20
N GLU A 250 5.62 -15.17 29.06
CA GLU A 250 6.05 -16.50 28.62
C GLU A 250 4.99 -17.19 27.75
N SER A 251 3.69 -16.92 27.94
CA SER A 251 2.71 -17.46 27.01
C SER A 251 2.85 -16.81 25.62
N ASP A 252 3.18 -15.51 25.56
CA ASP A 252 3.48 -14.89 24.28
C ASP A 252 4.69 -15.54 23.60
N VAL A 253 5.70 -15.94 24.39
CA VAL A 253 6.86 -16.62 23.81
C VAL A 253 6.46 -17.97 23.23
N TRP A 254 5.55 -18.70 23.89
CA TRP A 254 5.11 -19.99 23.34
C TRP A 254 4.48 -19.78 21.98
N SER A 255 3.63 -18.77 21.86
CA SER A 255 2.99 -18.46 20.60
C SER A 255 4.02 -18.09 19.54
N TYR A 256 5.10 -17.40 19.95
CA TYR A 256 6.14 -17.05 18.99
C TYR A 256 6.76 -18.29 18.42
N GLY A 257 7.02 -19.28 19.26
CA GLY A 257 7.58 -20.51 18.75
C GLY A 257 6.69 -21.14 17.69
N ILE A 258 5.37 -21.15 17.92
CA ILE A 258 4.47 -21.75 16.93
C ILE A 258 4.53 -20.94 15.63
N PHE A 259 4.64 -19.60 15.74
CA PHE A 259 4.81 -18.73 14.59
C PHE A 259 6.05 -19.12 13.77
N LEU A 260 7.16 -19.40 14.45
CA LEU A 260 8.37 -19.83 13.76
C LEU A 260 8.09 -21.10 12.98
N TRP A 261 7.28 -21.99 13.55
CA TRP A 261 6.95 -23.23 12.86
C TRP A 261 6.15 -22.93 11.59
N GLU A 262 5.19 -22.00 11.68
CA GLU A 262 4.47 -21.59 10.47
C GLU A 262 5.44 -20.97 9.47
N LEU A 263 6.37 -20.14 9.96
CA LEU A 263 7.28 -19.42 9.07
C LEU A 263 8.16 -20.37 8.29
N PHE A 264 8.85 -21.26 8.97
CA PHE A 264 9.82 -22.11 8.32
C PHE A 264 9.20 -23.31 7.62
N SER A 265 7.90 -23.51 7.76
CA SER A 265 7.21 -24.49 6.94
C SER A 265 6.47 -23.80 5.80
N LEU A 266 6.77 -22.52 5.53
CA LEU A 266 6.13 -21.79 4.45
C LEU A 266 4.61 -21.84 4.55
N GLY A 267 4.10 -21.50 5.73
CA GLY A 267 2.66 -21.33 5.93
C GLY A 267 1.84 -22.57 6.18
N SER A 268 2.44 -23.64 6.69
CA SER A 268 1.66 -24.83 7.01
C SER A 268 0.88 -24.64 8.32
N SER A 269 -0.26 -25.34 8.40
CA SER A 269 -1.08 -25.34 9.60
C SER A 269 -0.41 -26.12 10.72
N PRO A 270 -0.35 -25.57 11.93
CA PRO A 270 0.28 -26.29 13.05
C PRO A 270 -0.47 -27.56 13.40
N TYR A 271 0.29 -28.56 13.88
CA TYR A 271 -0.27 -29.85 14.25
C TYR A 271 -1.13 -30.36 13.08
N PRO A 272 -0.50 -30.58 11.91
CA PRO A 272 -1.27 -30.85 10.69
C PRO A 272 -2.10 -32.13 10.81
N GLY A 273 -3.38 -32.03 10.41
CA GLY A 273 -4.28 -33.16 10.49
C GLY A 273 -4.70 -33.54 11.90
N MET A 274 -4.45 -32.71 12.91
CA MET A 274 -4.84 -33.03 14.27
C MET A 274 -5.97 -32.10 14.67
N PRO A 275 -7.18 -32.62 14.82
CA PRO A 275 -8.28 -31.77 15.29
C PRO A 275 -8.03 -31.35 16.74
N VAL A 276 -8.66 -30.26 17.12
CA VAL A 276 -8.59 -29.85 18.53
C VAL A 276 -9.58 -30.71 19.31
N ASP A 277 -9.06 -31.68 20.05
CA ASP A 277 -9.91 -32.60 20.81
C ASP A 277 -9.13 -33.07 22.02
N SER A 278 -9.73 -34.01 22.76
CA SER A 278 -9.15 -34.50 24.00
C SER A 278 -7.79 -35.12 23.78
N LYS A 279 -7.58 -35.78 22.64
CA LYS A 279 -6.27 -36.37 22.33
C LYS A 279 -5.20 -35.28 22.17
N PHE A 280 -5.54 -34.19 21.49
CA PHE A 280 -4.59 -33.09 21.30
C PHE A 280 -4.18 -32.51 22.66
N TYR A 281 -5.15 -32.23 23.51
CA TYR A 281 -4.86 -31.67 24.83
C TYR A 281 -3.97 -32.60 25.64
N LYS A 282 -4.20 -33.91 25.57
CA LYS A 282 -3.36 -34.83 26.32
C LYS A 282 -1.92 -34.80 25.83
N MET A 283 -1.72 -34.83 24.51
CA MET A 283 -0.35 -34.84 23.98
C MET A 283 0.41 -33.58 24.36
N ILE A 284 -0.24 -32.41 24.26
CA ILE A 284 0.41 -31.16 24.69
C ILE A 284 0.81 -31.24 26.16
N LYS A 285 -0.09 -31.75 27.02
CA LYS A 285 0.26 -31.82 28.44
C LYS A 285 1.36 -32.83 28.64
N GLU A 286 1.34 -33.92 27.87
CA GLU A 286 2.36 -34.96 27.98
C GLU A 286 3.72 -34.47 27.55
N GLY A 287 3.79 -33.44 26.71
CA GLY A 287 5.04 -32.90 26.26
C GLY A 287 5.35 -33.14 24.80
N PHE A 288 4.38 -33.64 24.04
CA PHE A 288 4.53 -33.80 22.61
C PHE A 288 4.56 -32.44 21.90
N ARG A 289 5.58 -32.24 21.07
CA ARG A 289 5.72 -31.01 20.30
C ARG A 289 5.87 -31.36 18.82
N MET A 290 5.61 -30.36 17.96
CA MET A 290 5.84 -30.54 16.54
C MET A 290 7.32 -30.78 16.26
N SER A 291 7.59 -31.40 15.13
CA SER A 291 8.93 -31.67 14.69
C SER A 291 9.44 -30.49 13.85
N SER A 292 10.74 -30.50 13.56
CA SER A 292 11.35 -29.40 12.85
C SER A 292 10.75 -29.24 11.46
N PRO A 293 10.33 -28.04 11.07
CA PRO A 293 9.93 -27.82 9.67
C PRO A 293 11.10 -28.08 8.74
N GLU A 294 10.79 -28.18 7.45
CA GLU A 294 11.80 -28.63 6.50
C GLU A 294 12.92 -27.62 6.36
N HIS A 295 12.57 -26.34 6.18
CA HIS A 295 13.53 -25.29 5.94
C HIS A 295 14.03 -24.68 7.23
N ALA A 296 13.92 -25.41 8.34
CA ALA A 296 14.36 -24.49 9.38
C ALA A 296 15.76 -24.85 9.82
N PRO A 297 16.60 -23.86 10.07
CA PRO A 297 17.96 -24.16 10.53
C PRO A 297 17.90 -24.73 11.93
N ALA A 298 18.88 -25.60 12.23
CA ALA A 298 18.89 -26.27 13.52
C ALA A 298 18.80 -25.28 14.67
N GLU A 299 19.52 -24.16 14.56
CA GLU A 299 19.53 -23.15 15.62
C GLU A 299 18.15 -22.54 15.81
N MET A 300 17.41 -22.32 14.71
CA MET A 300 16.07 -21.74 14.80
C MET A 300 15.10 -22.74 15.40
N TYR A 301 15.30 -24.02 15.11
CA TYR A 301 14.49 -25.04 15.73
C TYR A 301 14.81 -25.12 17.21
N ASP A 302 16.07 -24.89 17.56
CA ASP A 302 16.43 -24.87 18.98
C ASP A 302 15.61 -23.85 19.74
N ILE A 303 15.38 -22.68 19.13
CA ILE A 303 14.55 -21.66 19.76
C ILE A 303 13.08 -22.12 19.86
N MET A 304 12.57 -22.80 18.83
CA MET A 304 11.18 -23.24 18.91
C MET A 304 11.01 -24.16 20.11
N LYS A 305 11.92 -25.12 20.26
CA LYS A 305 11.84 -26.07 21.36
C LYS A 305 11.82 -25.36 22.71
N THR A 306 12.71 -24.39 22.92
CA THR A 306 12.73 -23.69 24.21
C THR A 306 11.49 -22.84 24.42
N CYS A 307 10.88 -22.34 23.33
CA CYS A 307 9.63 -21.61 23.48
C CYS A 307 8.51 -22.54 23.93
N TRP A 308 8.64 -23.83 23.62
CA TRP A 308 7.66 -24.86 23.88
C TRP A 308 7.91 -25.61 25.19
N ASP A 309 8.81 -25.12 26.03
CA ASP A 309 9.04 -25.80 27.30
C ASP A 309 7.80 -25.71 28.18
N ALA A 310 7.44 -26.83 28.82
CA ALA A 310 6.26 -26.84 29.69
C ALA A 310 6.40 -25.84 30.82
N ASP A 311 7.61 -25.63 31.30
CA ASP A 311 7.85 -24.69 32.39
C ASP A 311 8.03 -23.30 31.83
N PRO A 312 7.18 -22.33 32.19
CA PRO A 312 7.32 -20.98 31.63
C PRO A 312 8.63 -20.32 31.96
N ASP A 313 9.20 -20.60 33.13
CA ASP A 313 10.46 -19.98 33.53
C ASP A 313 11.59 -20.38 32.60
N LYS A 314 11.55 -21.61 32.09
CA LYS A 314 12.57 -22.14 31.19
C LYS A 314 12.58 -21.43 29.83
N ARG A 315 11.45 -20.87 29.40
CA ARG A 315 11.37 -20.27 28.07
C ARG A 315 12.21 -19.00 28.00
N PRO A 316 12.81 -18.72 26.85
CA PRO A 316 13.61 -17.50 26.72
C PRO A 316 12.71 -16.28 26.59
N THR A 317 13.29 -15.13 26.91
CA THR A 317 12.58 -13.86 26.70
C THR A 317 12.75 -13.41 25.26
N PHE A 318 11.88 -12.47 24.85
CA PHE A 318 12.00 -11.92 23.50
C PHE A 318 13.33 -11.18 23.34
N LYS A 319 13.81 -10.55 24.40
CA LYS A 319 15.13 -9.92 24.34
C LYS A 319 16.22 -10.93 24.00
N GLN A 320 16.18 -12.12 24.65
CA GLN A 320 17.17 -13.15 24.35
C GLN A 320 16.99 -13.73 22.95
N ILE A 321 15.74 -13.87 22.51
CA ILE A 321 15.51 -14.36 21.15
C ILE A 321 16.11 -13.40 20.14
N VAL A 322 15.90 -12.10 20.34
CA VAL A 322 16.44 -11.11 19.42
C VAL A 322 17.95 -11.26 19.32
N GLN A 323 18.63 -11.33 20.48
CA GLN A 323 20.07 -11.54 20.50
C GLN A 323 20.47 -12.78 19.71
N ASP A 324 19.82 -13.90 20.00
CA ASP A 324 20.14 -15.18 19.38
C ASP A 324 20.02 -15.09 17.86
N ILE A 325 18.92 -14.54 17.36
CA ILE A 325 18.74 -14.48 15.91
C ILE A 325 19.77 -13.55 15.28
N GLU A 326 20.12 -12.46 15.97
CA GLU A 326 21.10 -11.51 15.45
C GLU A 326 22.46 -12.14 15.26
N LYS A 327 22.91 -12.96 16.23
CA LYS A 327 24.15 -13.69 16.06
C LYS A 327 24.06 -14.66 14.88
N GLN A 328 22.94 -15.35 14.72
CA GLN A 328 22.82 -16.29 13.60
C GLN A 328 22.85 -15.57 12.26
N ILE A 329 22.27 -14.37 12.17
CA ILE A 329 22.34 -13.64 10.91
C ILE A 329 23.78 -13.20 10.64
N SER A 330 24.49 -12.77 11.67
CA SER A 330 25.89 -12.36 11.48
C SER A 330 26.73 -13.49 10.88
N GLU A 331 26.40 -14.75 11.16
CA GLU A 331 27.15 -15.87 10.60
C GLU A 331 26.64 -16.18 9.20
N SER A 332 27.06 -15.37 8.24
CA SER A 332 26.65 -15.51 6.85
C SER A 332 27.58 -14.68 5.96
N ASN B 26 -11.56 43.32 -16.24
CA ASN B 26 -11.55 42.20 -17.17
C ASN B 26 -11.51 40.86 -16.45
N TYR B 27 -12.12 39.86 -17.07
CA TYR B 27 -12.14 38.50 -16.55
C TYR B 27 -11.19 37.64 -17.37
N SER B 28 -10.39 36.81 -16.68
CA SER B 28 -9.49 35.88 -17.37
C SER B 28 -9.42 34.61 -16.53
N TYR B 29 -9.29 33.48 -17.20
CA TYR B 29 -9.03 32.21 -16.51
C TYR B 29 -7.62 32.23 -15.93
N ILE B 30 -7.48 31.64 -14.76
CA ILE B 30 -6.22 31.61 -14.02
C ILE B 30 -5.44 30.40 -14.51
N ASP B 31 -4.20 30.60 -14.89
CA ASP B 31 -3.40 29.48 -15.36
C ASP B 31 -2.68 28.88 -14.17
N PRO B 32 -2.94 27.62 -13.83
CA PRO B 32 -2.27 27.06 -12.65
C PRO B 32 -0.76 27.04 -12.81
N THR B 33 -0.27 26.84 -14.03
CA THR B 33 1.17 26.86 -14.25
C THR B 33 1.74 28.24 -13.96
N GLN B 34 0.93 29.29 -14.12
CA GLN B 34 1.38 30.64 -13.88
C GLN B 34 1.43 31.00 -12.40
N LEU B 35 0.70 30.27 -11.56
CA LEU B 35 0.64 30.61 -10.14
C LEU B 35 1.97 30.33 -9.44
N PRO B 36 2.27 31.06 -8.38
CA PRO B 36 3.48 30.79 -7.61
C PRO B 36 3.37 29.48 -6.85
N TYR B 37 4.52 28.83 -6.66
CA TYR B 37 4.54 27.58 -5.91
C TYR B 37 3.98 27.80 -4.51
N ASP B 38 3.01 26.96 -4.14
CA ASP B 38 2.42 27.03 -2.81
C ASP B 38 3.32 26.34 -1.79
N HIS B 39 3.58 27.02 -0.68
CA HIS B 39 4.52 26.51 0.31
C HIS B 39 3.88 25.56 1.32
N LYS B 40 2.59 25.27 1.23
CA LYS B 40 2.03 24.22 2.06
C LYS B 40 2.62 22.86 1.71
N TRP B 41 3.11 22.73 0.48
CA TRP B 41 3.68 21.48 0.02
C TRP B 41 5.08 21.23 0.54
N GLU B 42 5.74 22.26 1.08
CA GLU B 42 7.15 22.14 1.45
C GLU B 42 7.35 21.12 2.56
N PHE B 43 8.30 20.22 2.34
CA PHE B 43 8.65 19.19 3.31
C PHE B 43 10.17 19.21 3.50
N PRO B 44 10.65 19.12 4.74
CA PRO B 44 12.09 19.15 4.96
C PRO B 44 12.77 17.97 4.29
N ARG B 45 13.86 18.24 3.57
CA ARG B 45 14.58 17.19 2.88
C ARG B 45 15.29 16.26 3.85
N ASN B 46 15.67 16.75 5.03
CA ASN B 46 16.39 15.92 5.98
C ASN B 46 15.53 14.78 6.52
N ARG B 47 14.21 14.97 6.58
CA ARG B 47 13.35 13.90 7.06
C ARG B 47 13.13 12.82 6.00
N LEU B 48 13.75 12.96 4.83
CA LEU B 48 13.60 12.00 3.75
C LEU B 48 14.80 11.07 3.70
N SER B 49 14.53 9.78 3.53
CA SER B 49 15.54 8.75 3.42
C SER B 49 15.33 8.02 2.11
N PHE B 50 16.34 8.06 1.25
CA PHE B 50 16.27 7.50 -0.09
C PHE B 50 16.64 6.02 -0.11
N GLY B 51 15.84 5.23 -0.81
CA GLY B 51 16.10 3.80 -0.94
C GLY B 51 16.59 3.44 -2.33
N LYS B 52 15.90 2.51 -3.00
CA LYS B 52 16.30 2.05 -4.32
C LYS B 52 15.55 2.84 -5.38
N THR B 53 16.15 2.91 -6.56
CA THR B 53 15.56 3.65 -7.67
C THR B 53 14.50 2.76 -8.31
N LEU B 54 13.24 3.08 -8.05
CA LEU B 54 12.14 2.31 -8.60
C LEU B 54 11.85 2.66 -10.06
N GLY B 55 12.40 3.77 -10.57
CA GLY B 55 12.19 4.15 -11.96
C GLY B 55 13.11 5.28 -12.41
N GLY B 60 13.81 12.78 -15.88
CA GLY B 60 12.86 12.45 -14.84
C GLY B 60 13.12 11.09 -14.23
N LYS B 61 13.45 11.08 -12.94
CA LYS B 61 13.71 9.84 -12.22
C LYS B 61 12.98 9.84 -10.89
N VAL B 62 12.49 8.68 -10.50
CA VAL B 62 11.75 8.50 -9.26
C VAL B 62 12.50 7.50 -8.39
N VAL B 63 12.72 7.86 -7.13
CA VAL B 63 13.44 7.02 -6.18
C VAL B 63 12.53 6.79 -4.97
N GLU B 64 12.47 5.53 -4.51
CA GLU B 64 11.68 5.22 -3.33
C GLU B 64 12.29 5.90 -2.12
N ALA B 65 11.44 6.31 -1.19
CA ALA B 65 11.94 7.01 -0.03
C ALA B 65 11.03 6.73 1.18
N THR B 66 11.59 6.98 2.35
CA THR B 66 10.87 6.91 3.60
C THR B 66 10.85 8.31 4.20
N ALA B 67 9.66 8.77 4.58
CA ALA B 67 9.49 10.09 5.14
C ALA B 67 9.01 10.00 6.59
N GLN B 68 9.63 10.81 7.45
CA GLN B 68 9.21 10.97 8.84
C GLN B 68 8.58 12.35 9.00
N GLY B 69 7.53 12.44 9.80
CA GLY B 69 6.88 13.71 10.03
C GLY B 69 5.88 14.10 8.96
N LEU B 70 5.74 13.31 7.91
CA LEU B 70 4.75 13.61 6.87
C LEU B 70 3.33 13.43 7.40
N ILE B 71 3.10 12.40 8.19
CA ILE B 71 1.79 12.17 8.80
C ILE B 71 1.66 13.07 10.01
N LYS B 72 0.43 13.50 10.31
CA LYS B 72 0.20 14.31 11.51
C LYS B 72 0.49 13.53 12.79
N SER B 73 0.35 12.21 12.77
CA SER B 73 0.57 11.39 13.95
C SER B 73 2.02 10.96 14.10
N ASP B 74 2.92 11.49 13.27
CA ASP B 74 4.36 11.25 13.31
C ASP B 74 4.73 9.83 12.88
N ALA B 75 3.86 9.14 12.17
CA ALA B 75 4.23 7.83 11.68
C ALA B 75 5.16 7.95 10.46
N ALA B 76 5.91 6.89 10.21
CA ALA B 76 6.80 6.85 9.07
C ALA B 76 6.03 6.41 7.83
N MET B 77 6.38 6.96 6.68
CA MET B 77 5.65 6.66 5.46
C MET B 77 6.61 6.37 4.31
N THR B 78 6.18 5.46 3.44
CA THR B 78 6.90 5.13 2.22
C THR B 78 6.35 6.01 1.11
N VAL B 79 7.26 6.67 0.38
CA VAL B 79 6.86 7.62 -0.66
C VAL B 79 7.76 7.46 -1.87
N ALA B 80 7.30 8.00 -2.99
CA ALA B 80 8.05 8.02 -4.25
C ALA B 80 8.48 9.46 -4.51
N VAL B 81 9.76 9.66 -4.83
CA VAL B 81 10.35 10.98 -5.00
C VAL B 81 10.89 11.12 -6.42
N LYS B 82 10.50 12.20 -7.10
CA LYS B 82 10.97 12.51 -8.45
C LYS B 82 12.02 13.61 -8.38
N MET B 83 13.12 13.42 -9.08
CA MET B 83 14.23 14.37 -9.04
C MET B 83 14.95 14.40 -10.40
N LEU B 84 15.80 15.41 -10.59
CA LEU B 84 16.60 15.58 -11.80
C LEU B 84 18.10 15.50 -11.54
N LYS B 85 18.87 15.43 -12.64
CA LYS B 85 20.33 15.53 -12.65
C LYS B 85 20.79 16.35 -13.85
N SER B 90 17.67 23.76 -16.90
CA SER B 90 16.76 24.87 -17.08
C SER B 90 15.42 24.43 -17.67
N THR B 91 15.46 23.92 -18.91
CA THR B 91 14.22 23.45 -19.53
C THR B 91 13.66 22.24 -18.79
N GLU B 92 14.52 21.37 -18.29
CA GLU B 92 14.02 20.24 -17.50
C GLU B 92 13.49 20.71 -16.16
N ARG B 93 14.11 21.75 -15.58
CA ARG B 93 13.67 22.25 -14.28
C ARG B 93 12.26 22.83 -14.34
N GLU B 94 11.92 23.52 -15.43
CA GLU B 94 10.59 24.12 -15.52
C GLU B 94 9.50 23.05 -15.59
N ALA B 95 9.80 21.91 -16.23
CA ALA B 95 8.81 20.84 -16.36
C ALA B 95 8.49 20.19 -15.02
N LEU B 96 9.50 19.99 -14.16
CA LEU B 96 9.25 19.43 -12.83
C LEU B 96 8.35 20.35 -12.03
N MET B 97 8.65 21.65 -12.03
CA MET B 97 7.80 22.62 -11.36
C MET B 97 6.43 22.73 -12.00
N SER B 98 6.37 22.72 -13.34
CA SER B 98 5.07 22.77 -14.00
C SER B 98 4.23 21.54 -13.63
N GLU B 99 4.87 20.37 -13.62
CA GLU B 99 4.16 19.16 -13.22
C GLU B 99 3.62 19.29 -11.81
N LEU B 100 4.45 19.81 -10.91
CA LEU B 100 4.02 20.02 -9.53
C LEU B 100 2.82 20.97 -9.47
N LYS B 101 2.85 22.02 -10.27
CA LYS B 101 1.76 23.00 -10.23
C LYS B 101 0.46 22.41 -10.77
N VAL B 102 0.54 21.63 -11.84
CA VAL B 102 -0.66 20.98 -12.38
C VAL B 102 -1.25 20.02 -11.35
N LEU B 103 -0.40 19.19 -10.74
CA LEU B 103 -0.89 18.25 -9.74
C LEU B 103 -1.51 18.99 -8.54
N SER B 104 -0.86 20.08 -8.10
CA SER B 104 -1.43 20.88 -7.01
C SER B 104 -2.78 21.48 -7.39
N TYR B 105 -2.87 22.00 -8.61
CA TYR B 105 -4.12 22.57 -9.11
C TYR B 105 -5.19 21.51 -9.33
N LEU B 106 -4.80 20.37 -9.92
CA LEU B 106 -5.78 19.34 -10.27
C LEU B 106 -6.52 18.86 -9.02
N GLY B 107 -5.83 18.76 -7.90
CA GLY B 107 -6.45 18.21 -6.70
C GLY B 107 -6.26 16.71 -6.66
N ASN B 108 -6.90 16.08 -5.69
CA ASN B 108 -6.78 14.65 -5.50
C ASN B 108 -7.87 13.88 -6.25
N HIS B 109 -7.48 12.79 -6.90
CA HIS B 109 -8.38 11.90 -7.60
C HIS B 109 -7.85 10.47 -7.48
N GLU B 110 -8.77 9.50 -7.56
CA GLU B 110 -8.39 8.10 -7.44
C GLU B 110 -7.48 7.68 -8.58
N ASN B 111 -7.70 8.22 -9.78
CA ASN B 111 -6.98 7.79 -10.96
C ASN B 111 -5.80 8.68 -11.31
N ILE B 112 -5.38 9.55 -10.39
CA ILE B 112 -4.20 10.39 -10.59
C ILE B 112 -3.22 10.08 -9.47
N VAL B 113 -1.92 10.06 -9.82
CA VAL B 113 -0.89 9.89 -8.80
C VAL B 113 -1.07 10.97 -7.74
N ASN B 114 -0.89 10.60 -6.49
CA ASN B 114 -1.17 11.53 -5.42
C ASN B 114 0.11 12.25 -5.03
N LEU B 115 0.05 13.58 -5.03
CA LEU B 115 1.17 14.43 -4.67
C LEU B 115 1.10 14.66 -3.16
N LEU B 116 2.15 14.27 -2.45
CA LEU B 116 2.18 14.45 -1.01
C LEU B 116 2.92 15.73 -0.60
N GLY B 117 4.03 16.04 -1.25
CA GLY B 117 4.79 17.21 -0.87
C GLY B 117 5.86 17.48 -1.90
N ALA B 118 6.65 18.52 -1.63
CA ALA B 118 7.78 18.87 -2.48
C ALA B 118 8.88 19.48 -1.64
N CYS B 119 10.11 19.40 -2.15
CA CYS B 119 11.30 19.98 -1.52
C CYS B 119 11.88 21.00 -2.49
N THR B 120 11.76 22.29 -2.17
CA THR B 120 12.32 23.31 -3.05
C THR B 120 13.36 24.22 -2.39
N HIS B 121 13.65 24.04 -1.10
CA HIS B 121 14.51 24.94 -0.36
C HIS B 121 15.78 24.18 0.03
N GLY B 122 16.91 24.88 -0.02
CA GLY B 122 18.17 24.29 0.41
C GLY B 122 18.65 23.14 -0.45
N GLY B 123 18.29 23.11 -1.73
CA GLY B 123 18.74 22.07 -2.61
C GLY B 123 17.97 21.97 -3.93
N PRO B 124 18.22 20.88 -4.66
CA PRO B 124 17.47 20.65 -5.90
C PRO B 124 16.02 20.31 -5.62
N THR B 125 15.15 20.70 -6.56
CA THR B 125 13.73 20.48 -6.40
C THR B 125 13.37 18.99 -6.37
N LEU B 126 12.60 18.59 -5.37
CA LEU B 126 12.16 17.21 -5.19
C LEU B 126 10.64 17.18 -5.11
N VAL B 127 10.03 16.26 -5.85
CA VAL B 127 8.58 16.11 -5.88
C VAL B 127 8.20 14.78 -5.22
N ILE B 128 7.41 14.85 -4.15
CA ILE B 128 7.04 13.69 -3.35
C ILE B 128 5.62 13.28 -3.68
N THR B 129 5.41 12.00 -3.95
CA THR B 129 4.09 11.49 -4.28
C THR B 129 3.83 10.14 -3.63
N GLU B 130 2.58 9.71 -3.64
CA GLU B 130 2.21 8.43 -3.04
C GLU B 130 2.88 7.26 -3.78
N TYR B 131 3.35 6.29 -3.02
CA TYR B 131 4.02 5.12 -3.58
C TYR B 131 3.05 4.04 -4.03
N CYS B 132 3.10 3.69 -5.31
CA CYS B 132 2.26 2.65 -5.86
C CYS B 132 3.03 1.35 -6.05
N CYS B 133 2.62 0.30 -5.35
CA CYS B 133 3.34 -0.97 -5.36
C CYS B 133 3.01 -1.88 -6.54
N TYR B 134 3.09 -1.34 -7.76
CA TYR B 134 2.80 -2.11 -8.95
C TYR B 134 3.68 -1.67 -10.12
N GLY B 135 4.09 -0.40 -10.11
CA GLY B 135 4.92 0.12 -11.16
C GLY B 135 4.19 0.46 -12.45
N ASP B 136 5.00 0.70 -13.47
CA ASP B 136 4.48 1.11 -14.76
C ASP B 136 3.66 0.01 -15.39
N LEU B 137 2.56 0.38 -16.03
CA LEU B 137 1.73 -0.61 -16.69
C LEU B 137 2.43 -1.21 -17.90
N LEU B 138 3.30 -0.43 -18.56
CA LEU B 138 4.01 -0.95 -19.73
C LEU B 138 4.96 -2.07 -19.33
N ASN B 139 5.74 -1.87 -18.28
CA ASN B 139 6.63 -2.92 -17.80
C ASN B 139 5.85 -4.01 -17.07
N PHE B 140 4.66 -3.68 -16.57
CA PHE B 140 3.82 -4.66 -15.90
C PHE B 140 3.61 -5.87 -16.79
N LEU B 141 3.17 -5.64 -18.03
CA LEU B 141 2.93 -6.71 -18.98
C LEU B 141 3.97 -6.74 -20.09
N ASP B 166 -5.49 -12.01 -16.56
CA ASP B 166 -6.92 -11.85 -16.36
C ASP B 166 -7.51 -10.68 -17.15
N LEU B 167 -8.20 -11.09 -18.22
CA LEU B 167 -8.70 -10.19 -19.26
C LEU B 167 -9.79 -9.25 -18.78
N GLU B 168 -10.58 -9.67 -17.79
CA GLU B 168 -11.64 -8.81 -17.27
C GLU B 168 -11.08 -7.50 -16.70
N ASP B 169 -9.83 -7.51 -16.17
CA ASP B 169 -9.18 -6.30 -15.66
C ASP B 169 -8.94 -5.25 -16.75
N LEU B 170 -8.63 -5.68 -17.98
CA LEU B 170 -8.30 -4.66 -18.97
C LEU B 170 -9.45 -3.71 -19.15
N LEU B 171 -10.67 -4.21 -19.00
CA LEU B 171 -11.83 -3.33 -19.03
C LEU B 171 -11.72 -2.26 -17.96
N SER B 172 -11.39 -2.66 -16.72
CA SER B 172 -11.21 -1.68 -15.65
C SER B 172 -9.99 -0.80 -15.89
N PHE B 173 -8.85 -1.39 -16.29
CA PHE B 173 -7.68 -0.56 -16.57
C PHE B 173 -8.04 0.49 -17.61
N SER B 174 -8.63 0.05 -18.72
CA SER B 174 -9.10 0.96 -19.75
C SER B 174 -10.14 1.91 -19.18
N TYR B 175 -11.07 1.38 -18.40
CA TYR B 175 -12.15 2.21 -17.83
C TYR B 175 -11.59 3.24 -16.85
N GLN B 176 -10.72 2.82 -15.93
CA GLN B 176 -10.17 3.77 -14.97
C GLN B 176 -9.34 4.83 -15.66
N VAL B 177 -8.46 4.41 -16.59
CA VAL B 177 -7.65 5.39 -17.32
C VAL B 177 -8.55 6.40 -18.02
N ALA B 178 -9.68 5.94 -18.54
CA ALA B 178 -10.63 6.83 -19.17
C ALA B 178 -11.21 7.84 -18.18
N LYS B 179 -11.59 7.39 -16.96
CA LYS B 179 -12.20 8.31 -16.01
C LYS B 179 -11.22 9.40 -15.56
N GLY B 180 -10.00 9.00 -15.19
CA GLY B 180 -9.02 10.01 -14.84
C GLY B 180 -8.80 10.99 -15.97
N MET B 181 -8.77 10.48 -17.20
CA MET B 181 -8.68 11.35 -18.36
C MET B 181 -9.91 12.25 -18.44
N ALA B 182 -11.09 11.69 -18.23
CA ALA B 182 -12.29 12.52 -18.23
C ALA B 182 -12.22 13.55 -17.12
N PHE B 183 -11.62 13.18 -15.99
CA PHE B 183 -11.40 14.13 -14.91
C PHE B 183 -10.46 15.25 -15.34
N LEU B 184 -9.37 14.89 -16.05
CA LEU B 184 -8.46 15.92 -16.53
C LEU B 184 -9.17 16.87 -17.49
N ALA B 185 -9.97 16.30 -18.42
CA ALA B 185 -10.75 17.14 -19.32
C ALA B 185 -11.74 18.00 -18.55
N SER B 186 -12.29 17.47 -17.47
CA SER B 186 -13.19 18.27 -16.64
C SER B 186 -12.49 19.47 -16.04
N LYS B 187 -11.18 19.38 -15.85
CA LYS B 187 -10.40 20.48 -15.28
C LYS B 187 -9.67 21.30 -16.34
N ASN B 188 -10.07 21.21 -17.61
CA ASN B 188 -9.42 21.92 -18.72
C ASN B 188 -7.93 21.59 -18.81
N CYS B 189 -7.60 20.32 -18.55
CA CYS B 189 -6.22 19.86 -18.54
C CYS B 189 -6.03 18.80 -19.62
N ILE B 190 -4.91 18.90 -20.33
CA ILE B 190 -4.50 17.94 -21.34
C ILE B 190 -3.15 17.36 -20.93
N HIS B 191 -3.06 16.03 -20.87
CA HIS B 191 -1.84 15.39 -20.37
C HIS B 191 -0.67 15.59 -21.30
N ARG B 192 -0.85 15.36 -22.59
CA ARG B 192 0.07 15.54 -23.71
C ARG B 192 1.11 14.43 -23.79
N ASP B 193 1.19 13.53 -22.81
CA ASP B 193 2.13 12.42 -22.88
C ASP B 193 1.46 11.13 -22.43
N LEU B 194 0.17 10.97 -22.72
CA LEU B 194 -0.54 9.78 -22.26
C LEU B 194 -0.03 8.55 -23.01
N ALA B 195 0.32 7.53 -22.23
CA ALA B 195 0.87 6.28 -22.75
C ALA B 195 0.81 5.25 -21.64
N ALA B 196 1.05 3.99 -22.00
CA ALA B 196 0.97 2.95 -20.98
C ALA B 196 2.05 3.10 -19.93
N ARG B 197 3.23 3.58 -20.32
CA ARG B 197 4.34 3.74 -19.40
C ARG B 197 4.07 4.76 -18.30
N ASN B 198 3.18 5.70 -18.55
CA ASN B 198 2.87 6.75 -17.57
C ASN B 198 1.65 6.42 -16.73
N ILE B 199 1.29 5.16 -16.63
CA ILE B 199 0.15 4.72 -15.83
C ILE B 199 0.62 3.74 -14.77
N LEU B 200 0.29 4.02 -13.52
CA LEU B 200 0.66 3.20 -12.38
C LEU B 200 -0.54 2.39 -11.91
N LEU B 201 -0.25 1.25 -11.29
CA LEU B 201 -1.26 0.36 -10.75
C LEU B 201 -1.11 0.33 -9.23
N THR B 202 -2.21 0.53 -8.51
CA THR B 202 -2.12 0.56 -7.06
C THR B 202 -2.62 -0.76 -6.48
N HIS B 203 -2.47 -0.87 -5.16
CA HIS B 203 -2.80 -2.09 -4.46
C HIS B 203 -4.27 -2.40 -4.73
N GLY B 204 -4.52 -3.51 -5.43
CA GLY B 204 -5.85 -3.81 -5.93
C GLY B 204 -5.91 -3.61 -7.44
N ARG B 205 -6.96 -2.96 -7.95
CA ARG B 205 -7.11 -2.78 -9.39
C ARG B 205 -7.37 -1.33 -9.76
N ILE B 206 -6.70 -0.39 -9.09
CA ILE B 206 -6.88 1.02 -9.37
C ILE B 206 -5.61 1.56 -10.03
N THR B 207 -5.78 2.21 -11.19
CA THR B 207 -4.69 2.81 -11.95
C THR B 207 -4.69 4.33 -11.82
N LYS B 208 -3.49 4.90 -11.73
CA LYS B 208 -3.29 6.34 -11.61
C LYS B 208 -2.30 6.83 -12.66
N ILE B 209 -2.63 7.95 -13.30
CA ILE B 209 -1.79 8.60 -14.31
C ILE B 209 -0.65 9.34 -13.64
N CYS B 210 0.51 9.38 -14.31
CA CYS B 210 1.66 10.13 -13.78
C CYS B 210 2.40 10.80 -14.95
N ASP B 211 3.56 11.38 -14.66
CA ASP B 211 4.35 12.14 -15.64
C ASP B 211 3.51 13.24 -16.28
N PHE B 212 3.27 14.30 -15.50
CA PHE B 212 2.50 15.45 -15.93
C PHE B 212 3.38 16.59 -16.45
N GLY B 213 4.62 16.30 -16.81
CA GLY B 213 5.55 17.35 -17.22
C GLY B 213 5.10 18.11 -18.46
N LEU B 214 4.49 17.40 -19.41
CA LEU B 214 3.98 18.03 -20.62
C LEU B 214 2.55 18.52 -20.45
N ALA B 215 1.94 18.29 -19.29
CA ALA B 215 0.55 18.68 -19.12
C ALA B 215 0.41 20.20 -19.09
N ARG B 216 -0.70 20.67 -19.65
CA ARG B 216 -1.03 22.09 -19.72
C ARG B 216 -2.50 22.27 -19.38
N VAL B 217 -2.86 23.46 -18.95
CA VAL B 217 -4.25 23.81 -18.67
C VAL B 217 -4.69 24.82 -19.71
N ILE B 218 -5.72 24.46 -20.48
CA ILE B 218 -6.15 25.32 -21.57
C ILE B 218 -7.19 26.26 -21.00
N LYS B 219 -7.65 27.19 -21.84
CA LYS B 219 -8.62 28.19 -21.46
C LYS B 219 -10.01 27.55 -21.38
N SER B 222 -10.65 26.33 -26.68
CA SER B 222 -9.26 26.78 -26.65
C SER B 222 -8.28 25.71 -27.15
N ASN B 223 -7.11 26.17 -27.58
CA ASN B 223 -6.04 25.32 -28.11
C ASN B 223 -4.74 25.59 -27.40
N TYR B 224 -3.91 24.55 -27.28
CA TYR B 224 -2.53 24.71 -26.83
C TYR B 224 -1.60 24.43 -28.02
N VAL B 225 -0.66 25.34 -28.24
CA VAL B 225 0.36 25.21 -29.27
C VAL B 225 1.71 25.18 -28.57
N ASP B 226 2.51 24.15 -28.86
CA ASP B 226 3.82 24.07 -28.21
C ASP B 226 4.79 24.90 -29.03
N LYS B 227 5.70 25.56 -28.32
CA LYS B 227 6.69 26.41 -28.99
C LYS B 227 7.53 25.59 -29.97
N GLY B 228 8.02 24.45 -29.53
CA GLY B 228 8.82 23.57 -30.36
C GLY B 228 10.17 23.31 -29.73
N ASN B 229 11.05 22.74 -30.55
CA ASN B 229 12.40 22.38 -30.12
C ASN B 229 12.36 21.56 -28.83
N ALA B 230 11.63 20.45 -28.88
CA ALA B 230 11.55 19.54 -27.73
C ALA B 230 11.25 18.13 -28.22
N ARG B 231 11.86 17.12 -27.58
CA ARG B 231 11.59 15.75 -27.95
C ARG B 231 10.19 15.36 -27.52
N LEU B 232 9.53 14.55 -28.34
CA LEU B 232 8.12 14.23 -28.16
C LEU B 232 7.89 12.77 -28.47
N PRO B 233 6.81 12.18 -27.95
CA PRO B 233 6.50 10.79 -28.29
C PRO B 233 5.71 10.70 -29.59
N VAL B 234 6.40 10.69 -30.72
CA VAL B 234 5.74 10.83 -32.02
C VAL B 234 4.68 9.76 -32.21
N LYS B 235 4.96 8.53 -31.75
CA LYS B 235 4.03 7.43 -32.01
C LYS B 235 2.69 7.67 -31.36
N TRP B 236 2.66 8.32 -30.20
CA TRP B 236 1.40 8.51 -29.49
C TRP B 236 0.68 9.81 -29.84
N MET B 237 1.30 10.69 -30.61
CA MET B 237 0.73 12.02 -30.84
C MET B 237 -0.26 11.99 -32.00
N ALA B 238 -1.30 12.80 -31.87
CA ALA B 238 -2.24 12.99 -32.97
C ALA B 238 -1.55 13.67 -34.15
N PRO B 239 -2.11 13.53 -35.36
CA PRO B 239 -1.46 14.13 -36.53
C PRO B 239 -1.38 15.64 -36.43
N GLU B 240 -2.44 16.30 -35.99
CA GLU B 240 -2.42 17.74 -35.86
C GLU B 240 -1.35 18.20 -34.89
N SER B 241 -1.05 17.40 -33.87
CA SER B 241 0.01 17.74 -32.93
C SER B 241 1.38 17.65 -33.58
N ILE B 242 1.60 16.64 -34.43
CA ILE B 242 2.87 16.53 -35.13
C ILE B 242 3.00 17.63 -36.18
N PHE B 243 2.01 17.74 -37.06
CA PHE B 243 2.11 18.64 -38.20
C PHE B 243 1.96 20.10 -37.80
N ASN B 244 0.97 20.43 -36.97
CA ASN B 244 0.67 21.81 -36.59
C ASN B 244 0.97 22.14 -35.13
N SER B 245 1.54 21.20 -34.36
CA SER B 245 1.90 21.44 -32.96
C SER B 245 0.72 21.85 -32.08
N VAL B 246 -0.50 21.39 -32.37
CA VAL B 246 -1.68 21.75 -31.61
C VAL B 246 -2.14 20.58 -30.77
N TYR B 247 -2.52 20.87 -29.53
CA TYR B 247 -2.97 19.86 -28.57
C TYR B 247 -4.34 20.23 -28.01
N THR B 248 -5.22 19.24 -27.91
CA THR B 248 -6.57 19.46 -27.41
C THR B 248 -7.01 18.23 -26.61
N PHE B 249 -8.22 18.31 -26.07
CA PHE B 249 -8.82 17.14 -25.46
C PHE B 249 -8.89 16.00 -26.47
N GLU B 250 -9.20 16.34 -27.72
CA GLU B 250 -9.27 15.35 -28.79
C GLU B 250 -7.91 14.78 -29.12
N SER B 251 -6.86 15.60 -28.97
CA SER B 251 -5.50 15.10 -29.16
C SER B 251 -5.14 14.08 -28.09
N ASP B 252 -5.58 14.31 -26.84
CA ASP B 252 -5.36 13.35 -25.78
C ASP B 252 -6.07 12.03 -26.08
N VAL B 253 -7.27 12.12 -26.66
CA VAL B 253 -8.04 10.92 -26.99
C VAL B 253 -7.29 10.07 -27.98
N TRP B 254 -6.58 10.70 -28.92
CA TRP B 254 -5.78 9.93 -29.87
C TRP B 254 -4.71 9.12 -29.14
N SER B 255 -4.01 9.75 -28.20
CA SER B 255 -3.00 9.05 -27.43
C SER B 255 -3.62 7.90 -26.64
N TYR B 256 -4.87 8.11 -26.20
CA TYR B 256 -5.61 7.07 -25.49
C TYR B 256 -5.86 5.86 -26.39
N GLY B 257 -6.19 6.11 -27.65
CA GLY B 257 -6.41 5.01 -28.57
C GLY B 257 -5.19 4.12 -28.73
N ILE B 258 -4.01 4.72 -28.81
CA ILE B 258 -2.79 3.94 -28.91
C ILE B 258 -2.52 3.18 -27.62
N PHE B 259 -2.85 3.80 -26.49
CA PHE B 259 -2.69 3.13 -25.21
C PHE B 259 -3.42 1.80 -25.22
N LEU B 260 -4.61 1.77 -25.81
CA LEU B 260 -5.37 0.53 -25.90
C LEU B 260 -4.62 -0.51 -26.74
N TRP B 261 -4.04 -0.09 -27.87
CA TRP B 261 -3.29 -1.04 -28.69
C TRP B 261 -2.11 -1.61 -27.92
N GLU B 262 -1.39 -0.76 -27.19
CA GLU B 262 -0.30 -1.26 -26.34
C GLU B 262 -0.85 -2.23 -25.31
N LEU B 263 -2.03 -1.92 -24.78
CA LEU B 263 -2.64 -2.71 -23.72
C LEU B 263 -2.97 -4.13 -24.23
N PHE B 264 -3.58 -4.23 -25.41
CA PHE B 264 -3.95 -5.53 -25.95
C PHE B 264 -2.85 -6.19 -26.77
N SER B 265 -1.71 -5.53 -26.99
CA SER B 265 -0.56 -6.08 -27.72
C SER B 265 0.55 -6.57 -26.81
N LEU B 266 0.25 -6.85 -25.53
CA LEU B 266 1.25 -7.25 -24.53
C LEU B 266 2.36 -6.22 -24.43
N GLY B 267 1.98 -4.95 -24.47
CA GLY B 267 2.96 -3.93 -24.24
C GLY B 267 3.96 -3.82 -25.36
N SER B 268 3.60 -4.30 -26.55
CA SER B 268 4.49 -4.24 -27.69
C SER B 268 4.55 -2.80 -28.21
N SER B 269 5.67 -2.46 -28.84
CA SER B 269 5.89 -1.10 -29.33
C SER B 269 4.95 -0.79 -30.49
N PRO B 270 4.28 0.37 -30.48
CA PRO B 270 3.39 0.71 -31.59
C PRO B 270 4.16 0.93 -32.87
N TYR B 271 3.50 0.65 -33.99
CA TYR B 271 4.08 0.73 -35.32
C TYR B 271 5.40 -0.06 -35.35
N PRO B 272 5.36 -1.36 -35.06
CA PRO B 272 6.59 -2.14 -34.99
C PRO B 272 7.24 -2.25 -36.36
N GLY B 273 8.55 -2.12 -36.38
CA GLY B 273 9.23 -2.16 -37.66
C GLY B 273 8.99 -0.93 -38.49
N MET B 274 8.39 0.10 -37.90
CA MET B 274 8.13 1.38 -38.54
C MET B 274 8.95 2.40 -37.77
N PRO B 275 10.19 2.65 -38.17
CA PRO B 275 10.96 3.73 -37.55
C PRO B 275 10.39 5.07 -38.00
N VAL B 276 10.71 6.11 -37.24
CA VAL B 276 10.24 7.45 -37.60
C VAL B 276 10.97 7.89 -38.85
N ASP B 277 10.22 8.07 -39.93
CA ASP B 277 10.79 8.44 -41.21
C ASP B 277 9.75 9.28 -41.95
N SER B 278 10.10 9.68 -43.16
CA SER B 278 9.14 10.42 -43.98
C SER B 278 7.93 9.56 -44.27
N LYS B 279 8.15 8.26 -44.48
CA LYS B 279 7.05 7.36 -44.78
C LYS B 279 6.07 7.30 -43.61
N PHE B 280 6.58 7.22 -42.38
CA PHE B 280 5.69 7.12 -41.23
C PHE B 280 4.70 8.27 -41.23
N TYR B 281 5.19 9.50 -41.39
CA TYR B 281 4.31 10.65 -41.41
C TYR B 281 3.30 10.57 -42.55
N LYS B 282 3.75 10.15 -43.73
CA LYS B 282 2.84 10.02 -44.87
C LYS B 282 1.79 8.95 -44.60
N MET B 283 2.22 7.82 -44.03
CA MET B 283 1.29 6.74 -43.73
C MET B 283 0.21 7.23 -42.76
N ILE B 284 0.62 8.00 -41.74
CA ILE B 284 -0.34 8.54 -40.78
C ILE B 284 -1.32 9.48 -41.47
N LYS B 285 -0.78 10.37 -42.32
CA LYS B 285 -1.59 11.37 -43.00
C LYS B 285 -2.56 10.74 -44.00
N GLU B 286 -2.14 9.69 -44.70
CA GLU B 286 -3.04 9.07 -45.66
C GLU B 286 -4.21 8.36 -44.98
N GLY B 287 -4.06 7.98 -43.71
CA GLY B 287 -5.10 7.26 -43.01
C GLY B 287 -4.73 5.88 -42.52
N PHE B 288 -3.44 5.61 -42.32
CA PHE B 288 -3.04 4.29 -41.81
C PHE B 288 -3.59 4.17 -40.40
N ARG B 289 -4.75 3.53 -40.26
CA ARG B 289 -5.38 3.36 -38.97
C ARG B 289 -5.04 4.52 -38.05
N HIS B 295 -6.79 -8.99 -30.53
CA HIS B 295 -6.98 -9.70 -29.28
C HIS B 295 -7.92 -8.91 -28.36
N ALA B 296 -8.66 -7.96 -28.94
CA ALA B 296 -9.56 -7.02 -28.28
C ALA B 296 -11.01 -7.23 -28.70
N PRO B 297 -11.97 -6.96 -27.81
CA PRO B 297 -13.38 -7.08 -28.18
C PRO B 297 -13.80 -5.99 -29.17
N ALA B 298 -14.77 -6.33 -30.01
CA ALA B 298 -15.25 -5.41 -31.03
C ALA B 298 -15.73 -4.08 -30.45
N GLU B 299 -16.51 -4.12 -29.35
CA GLU B 299 -17.04 -2.88 -28.79
C GLU B 299 -15.93 -1.92 -28.40
N MET B 300 -14.86 -2.45 -27.80
CA MET B 300 -13.72 -1.63 -27.42
C MET B 300 -12.95 -1.11 -28.63
N TYR B 301 -12.93 -1.89 -29.72
CA TYR B 301 -12.26 -1.44 -30.93
C TYR B 301 -13.02 -0.32 -31.62
N ASP B 302 -14.36 -0.32 -31.50
CA ASP B 302 -15.15 0.77 -32.06
C ASP B 302 -14.76 2.11 -31.44
N ILE B 303 -14.58 2.12 -30.12
CA ILE B 303 -14.13 3.33 -29.45
C ILE B 303 -12.70 3.67 -29.87
N MET B 304 -11.86 2.64 -30.04
CA MET B 304 -10.47 2.84 -30.43
C MET B 304 -10.34 3.50 -31.80
N LYS B 305 -11.00 2.92 -32.80
CA LYS B 305 -10.93 3.48 -34.16
C LYS B 305 -11.43 4.92 -34.19
N THR B 306 -12.57 5.17 -33.56
CA THR B 306 -13.15 6.51 -33.56
C THR B 306 -12.27 7.51 -32.83
N CYS B 307 -11.39 7.04 -31.93
CA CYS B 307 -10.44 7.95 -31.30
C CYS B 307 -9.37 8.42 -32.27
N TRP B 308 -9.02 7.64 -33.29
CA TRP B 308 -7.94 8.02 -34.18
C TRP B 308 -8.42 8.75 -35.44
N ASP B 309 -9.69 9.14 -35.49
CA ASP B 309 -10.22 9.77 -36.70
C ASP B 309 -9.40 11.00 -37.09
N ALA B 310 -9.16 11.13 -38.39
CA ALA B 310 -8.39 12.28 -38.88
C ALA B 310 -9.04 13.59 -38.49
N ASP B 311 -10.36 13.63 -38.44
CA ASP B 311 -11.09 14.82 -38.00
C ASP B 311 -11.22 14.79 -36.48
N PRO B 312 -10.69 15.78 -35.76
CA PRO B 312 -10.84 15.78 -34.30
C PRO B 312 -12.29 15.86 -33.82
N ASP B 313 -13.16 16.53 -34.58
CA ASP B 313 -14.56 16.64 -34.17
C ASP B 313 -15.25 15.28 -34.09
N LYS B 314 -14.89 14.35 -34.99
CA LYS B 314 -15.50 13.03 -34.94
C LYS B 314 -15.11 12.25 -33.69
N ARG B 315 -13.94 12.54 -33.12
CA ARG B 315 -13.51 11.76 -31.96
C ARG B 315 -14.48 11.97 -30.80
N PRO B 316 -14.76 10.93 -30.03
CA PRO B 316 -15.74 11.03 -28.96
C PRO B 316 -15.16 11.74 -27.75
N THR B 317 -16.06 12.31 -26.92
CA THR B 317 -15.56 12.87 -25.69
C THR B 317 -15.25 11.75 -24.72
N PHE B 318 -14.43 12.05 -23.71
CA PHE B 318 -14.16 11.08 -22.67
C PHE B 318 -15.42 10.82 -21.83
N LYS B 319 -16.20 11.87 -21.58
CA LYS B 319 -17.46 11.72 -20.88
C LYS B 319 -18.34 10.68 -21.56
N GLN B 320 -18.39 10.73 -22.89
CA GLN B 320 -19.13 9.72 -23.65
C GLN B 320 -18.47 8.35 -23.55
N ILE B 321 -17.14 8.30 -23.50
CA ILE B 321 -16.45 7.02 -23.34
C ILE B 321 -16.81 6.40 -21.99
N VAL B 322 -16.77 7.21 -20.92
CA VAL B 322 -17.10 6.72 -19.57
C VAL B 322 -18.51 6.16 -19.54
N GLN B 323 -19.49 6.96 -20.00
CA GLN B 323 -20.87 6.46 -20.14
C GLN B 323 -20.88 5.16 -20.92
N ASP B 324 -20.19 5.16 -22.05
CA ASP B 324 -20.13 3.98 -22.93
C ASP B 324 -19.51 2.78 -22.20
N ILE B 325 -18.33 2.98 -21.57
CA ILE B 325 -17.68 1.85 -20.90
C ILE B 325 -18.51 1.39 -19.71
N GLU B 326 -19.17 2.33 -19.02
CA GLU B 326 -19.98 1.98 -17.87
C GLU B 326 -21.12 1.04 -18.26
N LYS B 327 -21.77 1.30 -19.41
CA LYS B 327 -22.79 0.40 -19.91
C LYS B 327 -22.22 -0.98 -20.24
N GLN B 328 -21.03 -1.02 -20.87
CA GLN B 328 -20.41 -2.30 -21.22
C GLN B 328 -20.07 -3.11 -19.98
N ILE B 329 -19.67 -2.44 -18.91
CA ILE B 329 -19.40 -3.15 -17.67
C ILE B 329 -20.68 -3.74 -17.11
N SER B 330 -21.78 -2.98 -17.15
CA SER B 330 -23.08 -3.44 -16.68
C SER B 330 -23.53 -4.69 -17.42
#